data_5Z7X
#
_entry.id   5Z7X
#
_cell.length_a   63.800
_cell.length_b   77.960
_cell.length_c   99.000
_cell.angle_alpha   90.00
_cell.angle_beta   90.00
_cell.angle_gamma   90.00
#
_symmetry.space_group_name_H-M   'C 2 2 21'
#
loop_
_entity.id
_entity.type
_entity.pdbx_description
1 polymer 'Hyposensitive to light 4'
2 non-polymer 1,2-ETHANEDIOL
3 non-polymer 'MAGNESIUM ION'
4 water water
#
_entity_poly.entity_id   1
_entity_poly.type   'polypeptide(L)'
_entity_poly.pdbx_seq_one_letter_code
;GPLGSMSTVGSAHNVRVLGSGETTVVLGHGFGTDQSVWKQLVPYLTDEYRVLLYDNMGAGTTNPDCYDFERYSSLEGHSN
DLIAILDDFHVTKCIYVGHSLSSMAAAVSSIFRPDLFRKVVMISATPRITNTEDYYGGFEQEEINQMNTAMEENFKTMMM
GFAPIVVGGDLESDAIQEFSRTLFNMRPDIALSICRMISGLDLRPYLGLIVVPCHIIQSSKDMLVPVAVAEYLHKNLGGK
SVVELIPTEGHLPHLSAPELTIPVLVRHIKHDIA
;
_entity_poly.pdbx_strand_id   A
#
# COMPACT_ATOMS: atom_id res chain seq x y z
N SER A 5 -24.96 -12.00 -11.46
CA SER A 5 -24.00 -10.94 -11.16
C SER A 5 -22.57 -11.42 -11.40
N MET A 6 -21.62 -10.50 -11.19
CA MET A 6 -20.21 -10.79 -11.43
C MET A 6 -19.67 -11.70 -10.32
N SER A 7 -18.39 -12.04 -10.43
CA SER A 7 -17.78 -13.00 -9.52
C SER A 7 -17.82 -12.50 -8.08
N THR A 8 -17.74 -13.45 -7.15
CA THR A 8 -17.79 -13.10 -5.72
C THR A 8 -16.53 -12.37 -5.30
N VAL A 9 -15.37 -12.78 -5.83
CA VAL A 9 -14.12 -12.08 -5.52
C VAL A 9 -14.16 -10.66 -6.07
N GLY A 10 -14.71 -10.47 -7.26
CA GLY A 10 -14.78 -9.14 -7.84
C GLY A 10 -15.70 -8.21 -7.05
N SER A 11 -16.88 -8.71 -6.68
CA SER A 11 -17.82 -7.88 -5.93
C SER A 11 -17.35 -7.63 -4.50
N ALA A 12 -16.61 -8.58 -3.91
CA ALA A 12 -16.15 -8.41 -2.54
C ALA A 12 -15.07 -7.34 -2.45
N HIS A 13 -14.29 -7.15 -3.50
CA HIS A 13 -13.22 -6.16 -3.51
C HIS A 13 -13.48 -5.01 -4.46
N ASN A 14 -14.71 -4.89 -4.97
CA ASN A 14 -15.12 -3.76 -5.80
C ASN A 14 -14.16 -3.56 -6.97
N VAL A 15 -13.74 -4.67 -7.58
CA VAL A 15 -12.78 -4.62 -8.67
C VAL A 15 -13.34 -3.81 -9.82
N ARG A 16 -12.50 -2.95 -10.39
CA ARG A 16 -12.88 -2.08 -11.49
C ARG A 16 -11.78 -2.14 -12.55
N VAL A 17 -12.18 -2.28 -13.81
CA VAL A 17 -11.26 -2.40 -14.92
C VAL A 17 -11.54 -1.26 -15.89
N LEU A 18 -10.51 -0.47 -16.19
CA LEU A 18 -10.62 0.66 -17.10
C LEU A 18 -9.56 0.55 -18.18
N GLY A 19 -9.78 1.26 -19.28
CA GLY A 19 -8.83 1.30 -20.37
C GLY A 19 -8.66 -0.04 -21.08
N SER A 20 -7.64 -0.10 -21.93
CA SER A 20 -7.30 -1.31 -22.65
C SER A 20 -5.85 -1.21 -23.11
N GLY A 21 -5.28 -2.37 -23.40
CA GLY A 21 -3.90 -2.45 -23.82
C GLY A 21 -3.36 -3.85 -23.61
N GLU A 22 -2.11 -4.04 -24.02
CA GLU A 22 -1.48 -5.35 -23.84
C GLU A 22 -1.03 -5.55 -22.40
N THR A 23 -0.58 -4.49 -21.74
CA THR A 23 -0.11 -4.55 -20.37
C THR A 23 -1.17 -4.04 -19.42
N THR A 24 -1.37 -4.75 -18.31
CA THR A 24 -2.33 -4.38 -17.28
C THR A 24 -1.59 -3.74 -16.11
N VAL A 25 -1.99 -2.53 -15.74
CA VAL A 25 -1.50 -1.87 -14.55
C VAL A 25 -2.52 -2.10 -13.44
N VAL A 26 -2.07 -2.68 -12.33
CA VAL A 26 -2.92 -2.94 -11.17
C VAL A 26 -2.56 -1.91 -10.10
N LEU A 27 -3.58 -1.29 -9.51
CA LEU A 27 -3.40 -0.22 -8.54
C LEU A 27 -3.93 -0.66 -7.19
N GLY A 28 -3.06 -0.69 -6.20
CA GLY A 28 -3.43 -1.04 -4.84
C GLY A 28 -3.28 0.17 -3.93
N HIS A 29 -4.14 0.24 -2.92
CA HIS A 29 -4.16 1.36 -1.98
C HIS A 29 -3.65 0.92 -0.61
N GLY A 30 -3.47 1.91 0.27
CA GLY A 30 -2.95 1.66 1.60
C GLY A 30 -4.04 1.73 2.67
N PHE A 31 -3.59 1.68 3.92
CA PHE A 31 -4.50 1.73 5.06
C PHE A 31 -5.24 3.06 5.09
N GLY A 32 -6.55 3.00 5.35
CA GLY A 32 -7.36 4.19 5.51
C GLY A 32 -7.93 4.78 4.24
N THR A 33 -7.60 4.24 3.08
CA THR A 33 -8.12 4.72 1.81
C THR A 33 -8.84 3.59 1.08
N ASP A 34 -9.22 3.85 -0.16
CA ASP A 34 -9.69 2.82 -1.07
C ASP A 34 -9.20 3.19 -2.47
N GLN A 35 -9.69 2.46 -3.48
CA GLN A 35 -9.21 2.67 -4.84
C GLN A 35 -9.46 4.08 -5.36
N SER A 36 -10.37 4.82 -4.74
CA SER A 36 -10.62 6.20 -5.16
C SER A 36 -9.40 7.08 -4.96
N VAL A 37 -8.42 6.63 -4.18
CA VAL A 37 -7.19 7.39 -3.99
C VAL A 37 -6.41 7.55 -5.29
N TRP A 38 -6.70 6.73 -6.29
CA TRP A 38 -5.98 6.75 -7.56
C TRP A 38 -6.72 7.51 -8.65
N LYS A 39 -7.79 8.24 -8.30
CA LYS A 39 -8.61 8.91 -9.31
C LYS A 39 -7.79 9.92 -10.12
N GLN A 40 -6.75 10.51 -9.52
CA GLN A 40 -5.95 11.48 -10.26
C GLN A 40 -4.95 10.81 -11.18
N LEU A 41 -4.48 9.61 -10.84
CA LEU A 41 -3.45 8.96 -11.64
C LEU A 41 -4.03 8.21 -12.84
N VAL A 42 -5.19 7.58 -12.66
CA VAL A 42 -5.79 6.69 -13.66
C VAL A 42 -5.91 7.35 -15.04
N PRO A 43 -6.38 8.60 -15.16
CA PRO A 43 -6.44 9.21 -16.50
C PRO A 43 -5.10 9.26 -17.22
N TYR A 44 -3.99 9.24 -16.50
CA TYR A 44 -2.67 9.22 -17.13
C TYR A 44 -2.32 7.87 -17.73
N LEU A 45 -3.14 6.83 -17.49
CA LEU A 45 -2.78 5.46 -17.86
C LEU A 45 -3.78 4.77 -18.79
N THR A 46 -5.04 5.17 -18.80
CA THR A 46 -6.08 4.37 -19.45
C THR A 46 -5.96 4.35 -20.97
N ASP A 47 -5.26 5.30 -21.58
CA ASP A 47 -5.15 5.32 -23.03
C ASP A 47 -4.17 4.30 -23.57
N GLU A 48 -3.20 3.85 -22.77
CA GLU A 48 -2.22 2.88 -23.24
C GLU A 48 -2.20 1.59 -22.44
N TYR A 49 -2.70 1.57 -21.19
CA TYR A 49 -2.76 0.35 -20.39
C TYR A 49 -4.20 0.01 -20.03
N ARG A 50 -4.47 -1.28 -19.87
CA ARG A 50 -5.61 -1.70 -19.08
C ARG A 50 -5.27 -1.47 -17.60
N VAL A 51 -6.20 -0.89 -16.87
CA VAL A 51 -5.98 -0.53 -15.47
C VAL A 51 -7.01 -1.26 -14.62
N LEU A 52 -6.54 -2.07 -13.68
CA LEU A 52 -7.39 -2.76 -12.72
C LEU A 52 -7.20 -2.12 -11.35
N LEU A 53 -8.32 -1.83 -10.68
CA LEU A 53 -8.29 -1.27 -9.34
C LEU A 53 -9.12 -2.16 -8.42
N TYR A 54 -8.70 -2.24 -7.16
CA TYR A 54 -9.40 -3.07 -6.19
C TYR A 54 -9.18 -2.51 -4.79
N ASP A 55 -10.09 -2.86 -3.89
CA ASP A 55 -10.00 -2.46 -2.50
C ASP A 55 -9.52 -3.61 -1.65
N ASN A 56 -8.63 -3.33 -0.70
CA ASN A 56 -8.26 -4.30 0.30
C ASN A 56 -9.48 -4.65 1.14
N MET A 57 -9.58 -5.91 1.55
CA MET A 57 -10.61 -6.29 2.49
C MET A 57 -10.37 -5.59 3.81
N GLY A 58 -11.42 -4.98 4.36
CA GLY A 58 -11.32 -4.13 5.53
C GLY A 58 -11.57 -2.67 5.23
N ALA A 59 -11.39 -2.24 3.98
CA ALA A 59 -11.69 -0.87 3.60
C ALA A 59 -13.16 -0.57 3.85
N GLY A 60 -13.46 0.71 4.10
CA GLY A 60 -14.83 1.11 4.39
C GLY A 60 -15.80 0.83 3.27
N THR A 61 -15.30 0.59 2.06
CA THR A 61 -16.14 0.27 0.91
C THR A 61 -16.40 -1.23 0.76
N THR A 62 -15.89 -2.05 1.67
CA THR A 62 -16.07 -3.50 1.61
C THR A 62 -17.03 -3.95 2.70
N ASN A 63 -17.52 -5.17 2.53
CA ASN A 63 -18.49 -5.75 3.46
C ASN A 63 -17.82 -6.06 4.80
N PRO A 64 -18.29 -5.52 5.91
CA PRO A 64 -17.66 -5.84 7.21
C PRO A 64 -17.73 -7.32 7.57
N ASP A 65 -18.69 -8.07 7.02
CA ASP A 65 -18.83 -9.48 7.36
C ASP A 65 -17.83 -10.37 6.64
N CYS A 66 -17.18 -9.87 5.60
CA CYS A 66 -16.15 -10.63 4.88
C CYS A 66 -14.77 -10.49 5.50
N TYR A 67 -14.62 -9.63 6.52
CA TYR A 67 -13.31 -9.42 7.14
C TYR A 67 -13.11 -10.47 8.23
N ASP A 68 -12.45 -11.57 7.86
CA ASP A 68 -12.15 -12.64 8.80
C ASP A 68 -10.98 -12.20 9.67
N PHE A 69 -11.26 -11.94 10.95
CA PHE A 69 -10.23 -11.43 11.86
C PHE A 69 -9.06 -12.40 12.00
N GLU A 70 -9.32 -13.70 11.90
CA GLU A 70 -8.23 -14.67 11.91
C GLU A 70 -7.40 -14.58 10.64
N ARG A 71 -8.06 -14.46 9.49
CA ARG A 71 -7.38 -14.56 8.21
C ARG A 71 -6.49 -13.34 7.97
N TYR A 72 -6.94 -12.15 8.36
CA TYR A 72 -6.21 -10.92 8.09
C TYR A 72 -5.37 -10.48 9.28
N SER A 73 -5.09 -11.38 10.22
CA SER A 73 -4.15 -11.10 11.29
C SER A 73 -2.71 -11.07 10.80
N SER A 74 -2.46 -11.52 9.56
CA SER A 74 -1.16 -11.41 8.93
C SER A 74 -1.37 -10.97 7.48
N LEU A 75 -0.27 -10.55 6.85
CA LEU A 75 -0.34 -10.08 5.47
C LEU A 75 -0.77 -11.18 4.50
N GLU A 76 -0.61 -12.45 4.88
CA GLU A 76 -0.90 -13.55 3.98
C GLU A 76 -2.34 -13.51 3.48
N GLY A 77 -3.28 -13.15 4.35
CA GLY A 77 -4.67 -13.03 3.92
C GLY A 77 -4.86 -12.03 2.81
N HIS A 78 -4.20 -10.87 2.92
CA HIS A 78 -4.28 -9.87 1.86
C HIS A 78 -3.52 -10.32 0.62
N SER A 79 -2.40 -11.03 0.81
CA SER A 79 -1.64 -11.53 -0.35
C SER A 79 -2.44 -12.56 -1.12
N ASN A 80 -3.18 -13.43 -0.43
CA ASN A 80 -3.98 -14.44 -1.11
C ASN A 80 -5.23 -13.85 -1.74
N ASP A 81 -5.79 -12.79 -1.14
CA ASP A 81 -6.86 -12.05 -1.80
C ASP A 81 -6.39 -11.49 -3.13
N LEU A 82 -5.20 -10.88 -3.14
CA LEU A 82 -4.67 -10.30 -4.36
C LEU A 82 -4.48 -11.34 -5.45
N ILE A 83 -3.87 -12.48 -5.09
CA ILE A 83 -3.66 -13.56 -6.05
C ILE A 83 -5.01 -14.02 -6.62
N ALA A 84 -5.99 -14.22 -5.75
CA ALA A 84 -7.31 -14.65 -6.20
C ALA A 84 -7.95 -13.60 -7.11
N ILE A 85 -7.71 -12.33 -6.83
CA ILE A 85 -8.28 -11.27 -7.67
C ILE A 85 -7.68 -11.33 -9.07
N LEU A 86 -6.35 -11.37 -9.16
CA LEU A 86 -5.70 -11.43 -10.46
C LEU A 86 -6.00 -12.74 -11.19
N ASP A 87 -6.22 -13.82 -10.46
CA ASP A 87 -6.66 -15.07 -11.08
C ASP A 87 -8.08 -14.95 -11.60
N ASP A 88 -9.01 -14.55 -10.73
CA ASP A 88 -10.41 -14.42 -11.11
C ASP A 88 -10.59 -13.46 -12.29
N PHE A 89 -9.70 -12.47 -12.41
CA PHE A 89 -9.76 -11.52 -13.50
C PHE A 89 -8.69 -11.78 -14.56
N HIS A 90 -8.00 -12.91 -14.48
CA HIS A 90 -7.12 -13.41 -15.54
C HIS A 90 -6.06 -12.35 -15.93
N VAL A 91 -5.31 -11.90 -14.94
CA VAL A 91 -4.22 -10.95 -15.13
C VAL A 91 -2.90 -11.70 -15.04
N THR A 92 -1.98 -11.41 -15.96
CA THR A 92 -0.64 -11.97 -15.91
C THR A 92 0.37 -10.88 -16.24
N LYS A 93 1.54 -10.96 -15.59
CA LYS A 93 2.66 -10.05 -15.82
C LYS A 93 2.21 -8.59 -15.75
N CYS A 94 1.42 -8.27 -14.75
CA CYS A 94 0.95 -6.91 -14.57
C CYS A 94 2.08 -6.01 -14.11
N ILE A 95 1.90 -4.71 -14.34
CA ILE A 95 2.71 -3.69 -13.68
C ILE A 95 1.95 -3.30 -12.41
N TYR A 96 2.42 -3.76 -11.26
CA TYR A 96 1.74 -3.48 -10.02
C TYR A 96 2.27 -2.19 -9.40
N VAL A 97 1.34 -1.28 -9.09
CA VAL A 97 1.65 -0.03 -8.42
C VAL A 97 0.76 0.04 -7.19
N GLY A 98 1.37 0.01 -6.01
CA GLY A 98 0.61 -0.05 -4.77
C GLY A 98 1.20 0.87 -3.73
N HIS A 99 0.30 1.45 -2.92
CA HIS A 99 0.70 2.26 -1.79
C HIS A 99 0.86 1.38 -0.56
N SER A 100 2.04 1.46 0.06
CA SER A 100 2.30 0.87 1.37
C SER A 100 1.93 -0.61 1.46
N LEU A 101 0.94 -0.91 2.30
CA LEU A 101 0.52 -2.28 2.58
C LEU A 101 0.33 -3.13 1.33
N SER A 102 -0.36 -2.58 0.33
CA SER A 102 -0.73 -3.36 -0.84
C SER A 102 0.50 -3.72 -1.69
N SER A 103 1.48 -2.83 -1.78
CA SER A 103 2.69 -3.14 -2.54
C SER A 103 3.50 -4.25 -1.87
N MET A 104 3.50 -4.29 -0.53
CA MET A 104 4.16 -5.39 0.16
C MET A 104 3.44 -6.71 -0.09
N ALA A 105 2.10 -6.69 -0.08
CA ALA A 105 1.33 -7.89 -0.39
C ALA A 105 1.67 -8.41 -1.79
N ALA A 106 1.73 -7.50 -2.76
CA ALA A 106 2.08 -7.90 -4.12
C ALA A 106 3.50 -8.44 -4.20
N ALA A 107 4.43 -7.78 -3.50
CA ALA A 107 5.83 -8.22 -3.53
C ALA A 107 5.96 -9.65 -3.00
N VAL A 108 5.35 -9.92 -1.84
CA VAL A 108 5.39 -11.27 -1.28
C VAL A 108 4.69 -12.26 -2.21
N SER A 109 3.56 -11.86 -2.78
CA SER A 109 2.84 -12.73 -3.69
C SER A 109 3.72 -13.18 -4.85
N SER A 110 4.60 -12.29 -5.31
CA SER A 110 5.44 -12.61 -6.46
C SER A 110 6.43 -13.72 -6.18
N ILE A 111 6.68 -14.04 -4.91
CA ILE A 111 7.60 -15.13 -4.57
C ILE A 111 7.04 -16.46 -5.06
N PHE A 112 5.77 -16.72 -4.77
CA PHE A 112 5.14 -17.98 -5.15
C PHE A 112 4.54 -17.94 -6.55
N ARG A 113 4.08 -16.78 -6.98
CA ARG A 113 3.38 -16.61 -8.26
C ARG A 113 4.06 -15.50 -9.06
N PRO A 114 5.29 -15.72 -9.53
CA PRO A 114 5.97 -14.68 -10.31
C PRO A 114 5.37 -14.46 -11.69
N ASP A 115 4.51 -15.37 -12.15
CA ASP A 115 3.87 -15.21 -13.44
C ASP A 115 2.92 -14.00 -13.46
N LEU A 116 2.43 -13.60 -12.29
CA LEU A 116 1.44 -12.54 -12.19
C LEU A 116 2.04 -11.14 -12.24
N PHE A 117 3.35 -10.99 -12.04
CA PHE A 117 3.96 -9.68 -11.87
C PHE A 117 5.15 -9.53 -12.80
N ARG A 118 5.18 -8.41 -13.52
CA ARG A 118 6.37 -8.01 -14.27
C ARG A 118 7.27 -7.10 -13.45
N LYS A 119 6.68 -6.21 -12.66
CA LYS A 119 7.42 -5.40 -11.72
C LYS A 119 6.43 -4.83 -10.70
N VAL A 120 6.99 -4.32 -9.60
CA VAL A 120 6.21 -3.78 -8.49
C VAL A 120 6.74 -2.39 -8.16
N VAL A 121 5.86 -1.40 -8.19
CA VAL A 121 6.16 -0.04 -7.76
C VAL A 121 5.61 0.12 -6.35
N MET A 122 6.50 0.23 -5.36
CA MET A 122 6.12 0.39 -3.97
C MET A 122 6.21 1.85 -3.58
N ILE A 123 5.13 2.38 -3.00
CA ILE A 123 5.04 3.76 -2.56
C ILE A 123 4.91 3.76 -1.04
N SER A 124 5.91 4.33 -0.36
CA SER A 124 5.88 4.46 1.10
C SER A 124 5.77 3.11 1.80
N ALA A 125 6.44 2.09 1.24
CA ALA A 125 6.40 0.75 1.79
C ALA A 125 7.49 0.57 2.85
N THR A 126 7.23 -0.34 3.79
CA THR A 126 8.18 -0.65 4.85
C THR A 126 7.99 -2.11 5.25
N PRO A 127 9.07 -2.84 5.50
CA PRO A 127 8.94 -4.24 5.94
C PRO A 127 8.72 -4.37 7.44
N ARG A 128 8.98 -3.33 8.22
CA ARG A 128 8.86 -3.36 9.67
C ARG A 128 9.02 -1.95 10.23
N ILE A 129 8.06 -1.48 11.03
CA ILE A 129 8.10 -0.12 11.55
C ILE A 129 8.77 -0.03 12.91
N THR A 130 9.09 -1.16 13.55
CA THR A 130 9.67 -1.18 14.88
C THR A 130 11.17 -1.44 14.80
N ASN A 131 11.94 -0.70 15.59
CA ASN A 131 13.37 -0.88 15.66
C ASN A 131 13.72 -2.21 16.31
N THR A 132 14.88 -2.75 15.94
CA THR A 132 15.52 -3.80 16.73
C THR A 132 16.93 -3.35 17.08
N GLU A 133 17.71 -4.26 17.68
CA GLU A 133 19.11 -3.97 17.97
C GLU A 133 19.90 -3.69 16.71
N ASP A 134 19.44 -4.20 15.56
CA ASP A 134 20.21 -4.11 14.32
C ASP A 134 19.40 -3.55 13.15
N TYR A 135 18.20 -3.02 13.39
CA TYR A 135 17.35 -2.53 12.31
C TYR A 135 16.60 -1.30 12.79
N TYR A 136 16.56 -0.26 11.94
CA TYR A 136 15.90 1.00 12.25
C TYR A 136 14.62 1.10 11.42
N GLY A 137 13.48 0.81 12.05
CA GLY A 137 12.20 0.91 11.40
C GLY A 137 11.55 2.26 11.57
N GLY A 138 12.00 3.02 12.58
CA GLY A 138 11.52 4.36 12.85
C GLY A 138 10.90 4.53 14.22
N PHE A 139 10.48 3.44 14.86
CA PHE A 139 9.83 3.51 16.18
C PHE A 139 10.46 2.48 17.09
N GLU A 140 10.85 2.91 18.29
CA GLU A 140 11.19 1.94 19.31
C GLU A 140 9.95 1.14 19.69
N GLN A 141 10.18 -0.09 20.18
CA GLN A 141 9.06 -0.99 20.48
C GLN A 141 8.20 -0.45 21.61
N GLU A 142 8.82 0.18 22.59
CA GLU A 142 8.06 0.81 23.67
C GLU A 142 7.44 2.13 23.27
N GLU A 143 7.50 2.47 21.98
CA GLU A 143 6.66 3.53 21.42
C GLU A 143 5.47 2.95 20.68
N ILE A 144 5.68 1.83 20.01
CA ILE A 144 4.62 1.18 19.26
C ILE A 144 3.59 0.56 20.20
N ASN A 145 4.07 -0.10 21.27
CA ASN A 145 3.15 -0.66 22.25
C ASN A 145 2.32 0.44 22.93
N GLN A 146 2.98 1.52 23.35
CA GLN A 146 2.24 2.68 23.85
C GLN A 146 1.24 3.17 22.82
N MET A 147 1.63 3.16 21.54
CA MET A 147 0.68 3.49 20.48
C MET A 147 -0.46 2.49 20.46
N ASN A 148 -0.14 1.19 20.31
CA ASN A 148 -1.18 0.17 20.30
C ASN A 148 -2.08 0.25 21.53
N THR A 149 -1.52 0.58 22.69
CA THR A 149 -2.35 0.79 23.88
C THR A 149 -3.32 1.95 23.65
N ALA A 150 -2.81 3.09 23.19
CA ALA A 150 -3.65 4.27 23.02
C ALA A 150 -4.73 4.06 21.96
N MET A 151 -4.45 3.25 20.93
CA MET A 151 -5.49 2.99 19.93
C MET A 151 -6.62 2.14 20.49
N GLU A 152 -6.32 1.24 21.42
CA GLU A 152 -7.40 0.49 22.05
C GLU A 152 -8.16 1.34 23.06
N GLU A 153 -7.48 2.27 23.71
CA GLU A 153 -8.13 3.22 24.62
C GLU A 153 -9.17 4.03 23.88
N ASN A 154 -8.72 4.95 23.02
CA ASN A 154 -9.59 5.85 22.27
C ASN A 154 -9.16 5.79 20.80
N PHE A 155 -9.72 4.83 20.06
CA PHE A 155 -9.26 4.61 18.69
C PHE A 155 -9.62 5.77 17.79
N LYS A 156 -10.86 6.24 17.85
CA LYS A 156 -11.25 7.37 17.00
C LYS A 156 -10.41 8.60 17.31
N THR A 157 -10.08 8.81 18.59
CA THR A 157 -9.24 9.94 18.95
C THR A 157 -7.84 9.81 18.34
N MET A 158 -7.26 8.61 18.40
CA MET A 158 -5.93 8.41 17.80
C MET A 158 -5.98 8.62 16.29
N MET A 159 -7.03 8.13 15.63
CA MET A 159 -7.14 8.30 14.19
C MET A 159 -7.34 9.75 13.80
N MET A 160 -7.95 10.55 14.67
CA MET A 160 -8.16 11.96 14.36
C MET A 160 -6.85 12.75 14.41
N GLY A 161 -5.87 12.26 15.17
CA GLY A 161 -4.54 12.83 15.12
C GLY A 161 -3.70 12.15 14.05
N PHE A 162 -3.86 10.83 13.95
CA PHE A 162 -3.12 10.02 12.97
C PHE A 162 -3.23 10.61 11.56
N ALA A 163 -4.46 10.88 11.12
CA ALA A 163 -4.66 11.23 9.71
C ALA A 163 -3.92 12.50 9.29
N PRO A 164 -4.09 13.64 9.95
CA PRO A 164 -3.34 14.83 9.50
C PRO A 164 -1.84 14.71 9.71
N ILE A 165 -1.41 14.07 10.80
CA ILE A 165 0.02 13.91 11.05
C ILE A 165 0.67 13.05 9.97
N VAL A 166 0.01 11.95 9.59
CA VAL A 166 0.59 11.03 8.63
C VAL A 166 0.58 11.61 7.22
N VAL A 167 -0.51 12.31 6.86
CA VAL A 167 -0.58 12.95 5.55
C VAL A 167 0.34 14.17 5.50
N GLY A 168 0.37 14.96 6.58
CA GLY A 168 1.17 16.16 6.62
C GLY A 168 0.45 17.36 6.04
N GLY A 169 0.60 18.52 6.69
CA GLY A 169 0.07 19.76 6.18
C GLY A 169 -1.08 20.29 7.01
N ASP A 170 -1.77 21.27 6.42
CA ASP A 170 -2.86 21.95 7.11
C ASP A 170 -4.05 21.03 7.33
N LEU A 171 -4.62 21.10 8.54
CA LEU A 171 -5.89 20.43 8.83
C LEU A 171 -6.93 20.69 7.76
N GLU A 172 -6.86 21.86 7.12
CA GLU A 172 -7.88 22.28 6.16
C GLU A 172 -7.66 21.77 4.74
N SER A 173 -6.54 21.09 4.49
CA SER A 173 -6.17 20.72 3.12
C SER A 173 -7.12 19.67 2.55
N ASP A 174 -7.17 19.60 1.23
CA ASP A 174 -8.04 18.63 0.55
C ASP A 174 -7.60 17.20 0.86
N ALA A 175 -6.30 16.94 0.85
CA ALA A 175 -5.82 15.58 1.07
C ALA A 175 -6.17 15.09 2.47
N ILE A 176 -6.04 15.96 3.48
CA ILE A 176 -6.38 15.55 4.85
C ILE A 176 -7.87 15.32 4.99
N GLN A 177 -8.69 16.15 4.34
CA GLN A 177 -10.14 15.94 4.38
C GLN A 177 -10.53 14.65 3.69
N GLU A 178 -9.91 14.35 2.55
CA GLU A 178 -10.27 13.14 1.81
C GLU A 178 -9.79 11.88 2.51
N PHE A 179 -8.56 11.90 3.03
CA PHE A 179 -8.05 10.74 3.78
C PHE A 179 -8.89 10.49 5.02
N SER A 180 -9.31 11.56 5.70
CA SER A 180 -10.13 11.40 6.90
C SER A 180 -11.49 10.78 6.56
N ARG A 181 -12.07 11.16 5.43
CA ARG A 181 -13.38 10.65 5.05
C ARG A 181 -13.38 9.13 4.96
N THR A 182 -12.43 8.57 4.20
CA THR A 182 -12.38 7.12 4.04
C THR A 182 -11.86 6.43 5.29
N LEU A 183 -10.96 7.08 6.03
CA LEU A 183 -10.46 6.48 7.27
C LEU A 183 -11.57 6.30 8.28
N PHE A 184 -12.44 7.30 8.42
CA PHE A 184 -13.50 7.24 9.41
C PHE A 184 -14.73 6.47 8.93
N ASN A 185 -14.76 6.03 7.67
CA ASN A 185 -15.79 5.13 7.21
C ASN A 185 -15.48 3.68 7.52
N MET A 186 -14.28 3.38 8.01
CA MET A 186 -13.94 2.02 8.42
C MET A 186 -14.66 1.68 9.72
N ARG A 187 -14.93 0.39 9.90
CA ARG A 187 -15.45 -0.05 11.19
C ARG A 187 -14.32 -0.07 12.21
N PRO A 188 -14.53 0.50 13.41
CA PRO A 188 -13.42 0.62 14.36
C PRO A 188 -12.70 -0.69 14.67
N ASP A 189 -13.43 -1.77 14.88
CA ASP A 189 -12.79 -3.04 15.23
C ASP A 189 -11.98 -3.60 14.07
N ILE A 190 -12.46 -3.40 12.84
CA ILE A 190 -11.69 -3.82 11.67
C ILE A 190 -10.42 -2.99 11.54
N ALA A 191 -10.56 -1.67 11.58
CA ALA A 191 -9.41 -0.78 11.46
C ALA A 191 -8.38 -1.09 12.54
N LEU A 192 -8.83 -1.26 13.78
CA LEU A 192 -7.93 -1.63 14.87
C LEU A 192 -7.21 -2.93 14.55
N SER A 193 -7.95 -3.91 14.01
CA SER A 193 -7.32 -5.18 13.62
C SER A 193 -6.22 -4.96 12.60
N ILE A 194 -6.45 -4.09 11.61
CA ILE A 194 -5.45 -3.85 10.58
C ILE A 194 -4.22 -3.16 11.16
N CYS A 195 -4.44 -2.17 12.03
CA CYS A 195 -3.31 -1.48 12.65
C CYS A 195 -2.48 -2.43 13.49
N ARG A 196 -3.14 -3.35 14.21
CA ARG A 196 -2.41 -4.37 14.95
C ARG A 196 -1.53 -5.21 14.04
N MET A 197 -2.07 -5.60 12.88
CA MET A 197 -1.30 -6.42 11.95
C MET A 197 -0.09 -5.65 11.41
N ILE A 198 -0.31 -4.42 10.96
CA ILE A 198 0.79 -3.59 10.48
C ILE A 198 1.82 -3.40 11.58
N SER A 199 1.35 -3.21 12.81
CA SER A 199 2.21 -2.88 13.93
C SER A 199 3.18 -4.00 14.25
N GLY A 200 2.77 -5.25 14.06
CA GLY A 200 3.61 -6.40 14.32
C GLY A 200 4.19 -7.05 13.08
N LEU A 201 4.02 -6.43 11.91
CA LEU A 201 4.48 -7.01 10.65
C LEU A 201 6.00 -6.93 10.54
N ASP A 202 6.61 -8.00 10.02
CA ASP A 202 8.06 -8.07 9.84
C ASP A 202 8.33 -8.87 8.57
N LEU A 203 8.45 -8.16 7.45
CA LEU A 203 8.68 -8.77 6.15
C LEU A 203 10.15 -8.94 5.80
N ARG A 204 11.05 -8.50 6.67
CA ARG A 204 12.49 -8.60 6.39
C ARG A 204 12.94 -9.97 5.90
N PRO A 205 12.50 -11.11 6.46
CA PRO A 205 12.96 -12.41 5.93
C PRO A 205 12.53 -12.69 4.50
N TYR A 206 11.50 -11.99 3.99
CA TYR A 206 11.00 -12.26 2.65
C TYR A 206 11.77 -11.54 1.56
N LEU A 207 12.45 -10.43 1.91
CA LEU A 207 12.99 -9.54 0.89
C LEU A 207 13.98 -10.25 -0.03
N GLY A 208 14.82 -11.13 0.53
CA GLY A 208 15.77 -11.87 -0.29
C GLY A 208 15.14 -12.80 -1.30
N LEU A 209 13.90 -13.25 -1.04
CA LEU A 209 13.20 -14.15 -1.94
C LEU A 209 12.45 -13.42 -3.05
N ILE A 210 12.26 -12.11 -2.93
CA ILE A 210 11.56 -11.32 -3.94
C ILE A 210 12.56 -10.98 -5.04
N VAL A 211 12.26 -11.38 -6.27
CA VAL A 211 13.17 -11.19 -7.39
C VAL A 211 12.55 -10.44 -8.56
N VAL A 212 11.26 -10.10 -8.50
CA VAL A 212 10.69 -9.24 -9.53
C VAL A 212 11.27 -7.84 -9.33
N PRO A 213 11.47 -7.07 -10.40
CA PRO A 213 12.02 -5.72 -10.22
C PRO A 213 11.07 -4.84 -9.42
N CYS A 214 11.64 -4.12 -8.45
CA CYS A 214 10.87 -3.29 -7.54
C CYS A 214 11.34 -1.84 -7.64
N HIS A 215 10.40 -0.91 -7.73
CA HIS A 215 10.68 0.51 -7.78
C HIS A 215 10.26 1.12 -6.44
N ILE A 216 11.23 1.54 -5.66
CA ILE A 216 11.02 1.97 -4.28
C ILE A 216 10.84 3.48 -4.28
N ILE A 217 9.61 3.93 -4.07
CA ILE A 217 9.24 5.33 -4.12
C ILE A 217 8.72 5.74 -2.75
N GLN A 218 9.18 6.89 -2.26
CA GLN A 218 8.64 7.42 -1.00
C GLN A 218 9.04 8.87 -0.85
N SER A 219 8.32 9.57 0.04
CA SER A 219 8.65 10.94 0.36
C SER A 219 9.94 11.00 1.17
N SER A 220 10.69 12.09 0.97
CA SER A 220 11.94 12.26 1.71
C SER A 220 11.70 12.39 3.19
N LYS A 221 10.53 12.88 3.60
CA LYS A 221 10.16 13.04 5.00
C LYS A 221 8.82 12.35 5.23
N ASP A 222 8.88 11.09 5.65
CA ASP A 222 7.70 10.27 5.93
C ASP A 222 7.75 9.87 7.39
N MET A 223 6.75 10.30 8.17
CA MET A 223 6.77 10.08 9.61
C MET A 223 6.72 8.59 9.96
N LEU A 224 6.20 7.75 9.06
CA LEU A 224 6.12 6.32 9.29
C LEU A 224 7.22 5.53 8.59
N VAL A 225 7.88 6.12 7.61
CA VAL A 225 8.89 5.39 6.82
C VAL A 225 10.16 6.23 6.73
N PRO A 226 11.17 6.00 7.57
CA PRO A 226 12.44 6.71 7.39
C PRO A 226 13.09 6.36 6.06
N VAL A 227 13.86 7.30 5.52
CA VAL A 227 14.57 7.06 4.27
C VAL A 227 15.47 5.83 4.39
N ALA A 228 15.95 5.54 5.62
CA ALA A 228 16.76 4.35 5.83
C ALA A 228 16.01 3.08 5.47
N VAL A 229 14.69 3.09 5.54
CA VAL A 229 13.91 1.90 5.19
C VAL A 229 13.92 1.66 3.69
N ALA A 230 13.79 2.73 2.90
CA ALA A 230 13.91 2.59 1.45
C ALA A 230 15.27 2.03 1.07
N GLU A 231 16.33 2.49 1.75
CA GLU A 231 17.66 1.96 1.49
C GLU A 231 17.77 0.51 1.94
N TYR A 232 17.11 0.16 3.04
CA TYR A 232 17.11 -1.23 3.48
C TYR A 232 16.40 -2.13 2.48
N LEU A 233 15.27 -1.68 1.94
CA LEU A 233 14.55 -2.45 0.93
C LEU A 233 15.40 -2.65 -0.31
N HIS A 234 16.00 -1.58 -0.82
CA HIS A 234 16.90 -1.65 -1.97
C HIS A 234 17.99 -2.68 -1.74
N LYS A 235 18.61 -2.65 -0.56
CA LYS A 235 19.76 -3.52 -0.29
C LYS A 235 19.36 -4.99 -0.23
N ASN A 236 18.22 -5.29 0.38
CA ASN A 236 17.88 -6.67 0.74
C ASN A 236 16.90 -7.33 -0.21
N LEU A 237 16.37 -6.61 -1.20
CA LEU A 237 15.56 -7.25 -2.23
C LEU A 237 16.44 -8.16 -3.09
N GLY A 238 15.88 -9.30 -3.48
CA GLY A 238 16.65 -10.31 -4.19
C GLY A 238 16.84 -10.06 -5.67
N GLY A 239 16.15 -9.10 -6.24
CA GLY A 239 16.31 -8.80 -7.65
C GLY A 239 16.74 -7.37 -7.91
N LYS A 240 16.41 -6.85 -9.09
CA LYS A 240 16.71 -5.47 -9.42
C LYS A 240 15.78 -4.52 -8.67
N SER A 241 16.29 -3.36 -8.32
CA SER A 241 15.47 -2.35 -7.66
C SER A 241 16.07 -0.98 -7.90
N VAL A 242 15.26 0.05 -7.65
CA VAL A 242 15.69 1.44 -7.74
C VAL A 242 14.95 2.23 -6.67
N VAL A 243 15.61 3.26 -6.15
CA VAL A 243 15.04 4.14 -5.15
C VAL A 243 14.95 5.54 -5.71
N GLU A 244 13.79 6.17 -5.57
CA GLU A 244 13.64 7.59 -5.87
C GLU A 244 12.82 8.23 -4.77
N LEU A 245 13.38 9.25 -4.14
CA LEU A 245 12.68 10.01 -3.11
C LEU A 245 11.96 11.19 -3.73
N ILE A 246 10.73 11.43 -3.28
CA ILE A 246 9.95 12.57 -3.71
C ILE A 246 10.21 13.71 -2.73
N PRO A 247 10.70 14.87 -3.18
CA PRO A 247 11.01 15.96 -2.25
C PRO A 247 9.75 16.57 -1.67
N THR A 248 9.19 15.91 -0.64
CA THR A 248 7.93 16.36 -0.06
C THR A 248 7.78 15.72 1.32
N GLU A 249 6.76 16.16 2.04
CA GLU A 249 6.39 15.62 3.34
C GLU A 249 5.08 14.86 3.21
N GLY A 250 5.02 13.68 3.81
CA GLY A 250 3.78 12.91 3.87
C GLY A 250 3.94 11.44 3.56
N HIS A 251 3.06 10.63 4.14
CA HIS A 251 3.05 9.19 3.92
C HIS A 251 2.24 8.80 2.69
N LEU A 252 1.37 9.68 2.20
CA LEU A 252 0.56 9.44 1.00
C LEU A 252 0.87 10.52 -0.03
N PRO A 253 2.07 10.48 -0.62
CA PRO A 253 2.43 11.54 -1.59
C PRO A 253 1.62 11.50 -2.87
N HIS A 254 1.06 10.34 -3.22
CA HIS A 254 0.16 10.27 -4.37
C HIS A 254 -1.14 11.02 -4.12
N LEU A 255 -1.53 11.21 -2.86
CA LEU A 255 -2.71 11.97 -2.49
C LEU A 255 -2.39 13.42 -2.14
N SER A 256 -1.29 13.66 -1.43
CA SER A 256 -0.97 14.99 -0.91
C SER A 256 -0.14 15.82 -1.88
N ALA A 257 0.68 15.20 -2.72
CA ALA A 257 1.55 15.91 -3.65
C ALA A 257 1.49 15.27 -5.03
N PRO A 258 0.32 15.35 -5.69
CA PRO A 258 0.20 14.73 -7.02
C PRO A 258 1.09 15.38 -8.07
N GLU A 259 1.32 16.69 -7.96
CA GLU A 259 2.10 17.39 -8.98
C GLU A 259 3.53 16.87 -9.05
N LEU A 260 4.06 16.34 -7.95
CA LEU A 260 5.36 15.72 -7.94
C LEU A 260 5.28 14.21 -8.13
N THR A 261 4.26 13.58 -7.52
CA THR A 261 4.22 12.13 -7.44
C THR A 261 3.73 11.49 -8.73
N ILE A 262 2.69 12.05 -9.34
CA ILE A 262 2.18 11.48 -10.60
C ILE A 262 3.24 11.44 -11.69
N PRO A 263 4.04 12.50 -11.92
CA PRO A 263 5.13 12.36 -12.90
C PRO A 263 6.13 11.28 -12.55
N VAL A 264 6.42 11.08 -11.25
CA VAL A 264 7.36 10.04 -10.86
C VAL A 264 6.80 8.65 -11.17
N LEU A 265 5.54 8.42 -10.81
CA LEU A 265 4.93 7.10 -11.01
C LEU A 265 4.85 6.74 -12.49
N VAL A 266 4.46 7.69 -13.33
CA VAL A 266 4.34 7.42 -14.77
C VAL A 266 5.69 7.05 -15.36
N ARG A 267 6.75 7.75 -14.93
CA ARG A 267 8.09 7.44 -15.44
C ARG A 267 8.56 6.07 -14.96
N HIS A 268 8.17 5.65 -13.75
CA HIS A 268 8.57 4.35 -13.26
C HIS A 268 7.68 3.23 -13.80
N ILE A 269 6.41 3.53 -14.11
CA ILE A 269 5.57 2.56 -14.77
C ILE A 269 6.09 2.28 -16.19
N LYS A 270 6.54 3.34 -16.87
CA LYS A 270 6.90 3.22 -18.28
C LYS A 270 8.30 2.66 -18.47
N HIS A 271 9.26 3.12 -17.68
CA HIS A 271 10.65 2.74 -17.88
C HIS A 271 11.05 1.60 -16.95
N ASP A 272 12.04 0.83 -17.40
CA ASP A 272 12.47 -0.39 -16.75
C ASP A 272 13.87 -0.24 -16.17
N ILE A 273 14.11 -0.94 -15.06
CA ILE A 273 15.45 -1.05 -14.50
C ILE A 273 16.28 -1.91 -15.44
N ALA A 274 17.41 -1.37 -15.90
CA ALA A 274 18.29 -2.12 -16.80
C ALA A 274 18.95 -3.27 -16.07
#